data_7OBV
#
_entry.id   7OBV
#
_cell.length_a   45.089
_cell.length_b   61.233
_cell.length_c   82.928
_cell.angle_alpha   90.000
_cell.angle_beta   90.000
_cell.angle_gamma   90.000
#
_symmetry.space_group_name_H-M   'P 21 21 21'
#
loop_
_entity.id
_entity.type
_entity.pdbx_description
1 polymer 'Serine protease subunit NS2B'
2 polymer 'Serine protease NS3'
3 polymer 'Inhibitor MI-2248'
4 water water
#
loop_
_entity_poly.entity_id
_entity_poly.type
_entity_poly.pdbx_seq_one_letter_code
_entity_poly.pdbx_strand_id
1 'polypeptide(L)' MTGKSVDMYIERAGDITWEKDAEVTGNSPRLDVALDESGDFSLVEEDGPPMRE A
2 'polypeptide(L)'
;GSGALWDVPAPKEVKKGETTDGVYRVMTRRLLGSTQVGVGVMQEGVFHTMWHVTKGAALRSGEGRLDPYWGDVKQDLVSY
CGPWKLDAAWDGLSEVQLLAVPPGERAKNIQTLPGIFKTKDGDIGAVALDYPAGTSGSPILDKCGRVIGLYGNGVVIKNG
SYVSAITQGKREEETPVE
;
B
3 'polypeptide(L)' (V7T)G(BAL)(DPN)KK D
#
loop_
_chem_comp.id
_chem_comp.type
_chem_comp.name
_chem_comp.formula
BAL peptide-like BETA-ALANINE 'C3 H7 N O2'
V7T peptide-like '(2R)-6-azanyl-2-carbamimidamido-hexanoic acid' 'C7 H16 N4 O2'
#
# COMPACT_ATOMS: atom_id res chain seq x y z
N VAL A 6 18.45 7.50 12.60
CA VAL A 6 17.06 7.07 12.71
C VAL A 6 16.99 5.55 12.67
N ASP A 7 16.34 4.96 13.67
CA ASP A 7 16.10 3.51 13.70
C ASP A 7 14.77 3.32 12.97
N MET A 8 14.83 2.95 11.70
CA MET A 8 13.63 2.55 10.97
C MET A 8 13.52 1.03 11.09
N TYR A 9 12.36 0.55 11.54
CA TYR A 9 12.20 -0.85 11.89
C TYR A 9 10.78 -1.29 11.53
N ILE A 10 10.58 -2.60 11.46
CA ILE A 10 9.27 -3.15 11.15
C ILE A 10 8.76 -3.98 12.33
N GLU A 11 7.44 -4.01 12.47
CA GLU A 11 6.82 -4.86 13.48
C GLU A 11 5.52 -5.43 12.94
N ARG A 12 5.26 -6.69 13.28
CA ARG A 12 4.09 -7.36 12.75
C ARG A 12 2.82 -6.61 13.15
N ALA A 13 1.88 -6.56 12.22
CA ALA A 13 0.57 -5.99 12.47
C ALA A 13 -0.58 -6.96 12.25
N GLY A 14 -0.39 -8.04 11.52
CA GLY A 14 -1.50 -8.95 11.27
C GLY A 14 -1.15 -10.01 10.25
N ASP A 15 -2.08 -10.93 10.10
CA ASP A 15 -2.07 -11.92 9.04
C ASP A 15 -2.83 -11.35 7.86
N ILE A 16 -2.39 -11.71 6.65
CA ILE A 16 -3.00 -11.16 5.43
C ILE A 16 -4.12 -12.11 5.01
N THR A 17 -5.36 -11.68 5.24
CA THR A 17 -6.54 -12.46 4.89
C THR A 17 -7.65 -11.54 4.44
N TRP A 18 -8.51 -12.09 3.58
CA TRP A 18 -9.79 -11.48 3.25
C TRP A 18 -10.77 -11.76 4.37
N GLU A 19 -11.58 -10.77 4.73
N GLU A 19 -11.54 -10.75 4.75
CA GLU A 19 -12.51 -10.91 5.85
CA GLU A 19 -12.55 -10.85 5.80
C GLU A 19 -13.94 -10.81 5.32
C GLU A 19 -13.91 -11.07 5.16
N LYS A 20 -14.68 -11.91 5.43
N LYS A 20 -14.64 -12.05 5.68
CA LYS A 20 -16.03 -11.96 4.89
CA LYS A 20 -16.02 -12.24 5.25
C LYS A 20 -16.97 -10.98 5.59
C LYS A 20 -16.90 -11.15 5.84
N ASP A 21 -16.63 -10.49 6.77
N ASP A 21 -17.79 -10.60 5.01
CA ASP A 21 -17.46 -9.55 7.51
CA ASP A 21 -18.81 -9.66 5.48
C ASP A 21 -17.10 -8.09 7.22
C ASP A 21 -18.19 -8.42 6.14
N ALA A 22 -16.48 -7.82 6.09
N ALA A 22 -17.10 -7.93 5.55
CA ALA A 22 -15.89 -6.52 5.83
CA ALA A 22 -16.44 -6.72 6.04
C ALA A 22 -16.96 -5.48 5.50
C ALA A 22 -17.25 -5.49 5.64
N GLU A 23 -16.86 -4.34 6.16
CA GLU A 23 -17.57 -3.12 5.77
C GLU A 23 -17.28 -2.81 4.31
N VAL A 24 -18.33 -2.47 3.56
CA VAL A 24 -18.25 -2.13 2.14
C VAL A 24 -18.49 -0.65 1.99
N THR A 25 -17.54 0.07 1.38
CA THR A 25 -17.69 1.51 1.30
C THR A 25 -16.85 2.06 0.16
N GLY A 26 -17.07 3.33 -0.11
CA GLY A 26 -16.35 4.04 -1.14
C GLY A 26 -17.05 3.99 -2.47
N ASN A 27 -16.79 5.00 -3.29
CA ASN A 27 -17.32 5.05 -4.65
C ASN A 27 -16.31 4.41 -5.61
N SER A 28 -16.55 4.54 -6.91
N SER A 28 -16.58 4.51 -6.90
CA SER A 28 -15.81 3.81 -7.93
CA SER A 28 -15.79 3.82 -7.94
C SER A 28 -15.56 4.74 -9.12
C SER A 28 -15.60 4.78 -9.09
N PRO A 29 -14.67 5.72 -8.96
CA PRO A 29 -14.55 6.76 -9.98
C PRO A 29 -13.69 6.36 -11.16
N ARG A 30 -14.02 6.92 -12.31
CA ARG A 30 -13.25 6.75 -13.54
C ARG A 30 -12.56 8.07 -13.84
N LEU A 31 -11.26 8.12 -13.60
CA LEU A 31 -10.49 9.36 -13.64
C LEU A 31 -9.41 9.28 -14.70
N ASP A 32 -9.24 10.39 -15.44
CA ASP A 32 -8.13 10.52 -16.39
C ASP A 32 -6.92 11.05 -15.63
N VAL A 33 -5.84 10.27 -15.65
CA VAL A 33 -4.71 10.50 -14.77
C VAL A 33 -3.40 10.42 -15.54
N ALA A 34 -2.43 11.24 -15.11
CA ALA A 34 -1.07 11.19 -15.61
C ALA A 34 -0.12 10.88 -14.46
N LEU A 35 0.99 10.21 -14.79
CA LEU A 35 2.02 9.83 -13.84
C LEU A 35 3.33 10.43 -14.32
N ASP A 36 3.98 11.22 -13.47
CA ASP A 36 5.24 11.83 -13.86
C ASP A 36 6.43 11.00 -13.37
N GLU A 37 7.62 11.41 -13.79
CA GLU A 37 8.81 10.62 -13.50
C GLU A 37 9.15 10.62 -12.01
N SER A 38 8.58 11.55 -11.24
CA SER A 38 8.78 11.62 -9.80
C SER A 38 7.87 10.66 -9.04
N GLY A 39 6.99 9.96 -9.73
CA GLY A 39 6.05 9.07 -9.06
C GLY A 39 4.78 9.74 -8.58
N ASP A 40 4.49 10.94 -9.05
CA ASP A 40 3.29 11.66 -8.63
C ASP A 40 2.21 11.52 -9.69
N PHE A 41 1.01 11.11 -9.27
CA PHE A 41 -0.16 11.09 -10.13
C PHE A 41 -0.85 12.44 -10.07
N SER A 42 -1.44 12.83 -11.18
N SER A 42 -1.45 12.85 -11.19
CA SER A 42 -2.25 14.05 -11.26
CA SER A 42 -2.25 14.06 -11.24
C SER A 42 -3.43 13.79 -12.18
C SER A 42 -3.39 13.85 -12.23
N LEU A 43 -4.47 14.60 -12.02
CA LEU A 43 -5.61 14.53 -12.94
C LEU A 43 -5.29 15.26 -14.23
N VAL A 44 -5.69 14.67 -15.35
CA VAL A 44 -5.57 15.31 -16.64
C VAL A 44 -6.75 16.26 -16.84
N GLY B 17 12.43 -16.15 10.29
CA GLY B 17 12.23 -15.66 11.65
C GLY B 17 11.93 -14.17 11.66
N GLU B 18 12.84 -13.39 11.09
CA GLU B 18 12.66 -11.95 10.95
C GLU B 18 12.00 -11.58 9.62
N THR B 19 11.59 -12.56 8.83
CA THR B 19 10.90 -12.35 7.56
C THR B 19 9.68 -13.25 7.43
N THR B 20 8.97 -13.51 8.53
N THR B 20 8.97 -13.50 8.54
CA THR B 20 7.78 -14.35 8.43
CA THR B 20 7.77 -14.33 8.47
C THR B 20 6.66 -13.61 7.71
C THR B 20 6.65 -13.61 7.74
N ASP B 21 5.91 -14.36 6.91
CA ASP B 21 4.83 -13.79 6.13
C ASP B 21 3.87 -12.99 7.02
N GLY B 22 3.41 -11.86 6.51
CA GLY B 22 2.44 -11.06 7.23
C GLY B 22 2.48 -9.62 6.76
N VAL B 23 1.59 -8.82 7.36
CA VAL B 23 1.60 -7.37 7.17
C VAL B 23 2.23 -6.73 8.38
N TYR B 24 3.06 -5.69 8.16
CA TYR B 24 3.91 -5.09 9.16
C TYR B 24 3.78 -3.57 9.10
N ARG B 25 3.89 -2.94 10.26
CA ARG B 25 4.09 -1.50 10.35
C ARG B 25 5.55 -1.17 10.11
N VAL B 26 5.79 -0.05 9.45
CA VAL B 26 7.12 0.54 9.29
C VAL B 26 7.17 1.74 10.22
N MET B 27 8.10 1.67 11.18
CA MET B 27 8.19 2.61 12.28
C MET B 27 9.55 3.32 12.24
N THR B 28 9.59 4.52 12.80
CA THR B 28 10.85 5.19 13.06
C THR B 28 10.93 5.59 14.53
N ARG B 29 12.15 5.59 15.05
CA ARG B 29 12.36 6.18 16.37
C ARG B 29 13.79 6.64 16.49
N ARG B 30 14.01 7.58 17.41
CA ARG B 30 15.35 8.04 17.76
C ARG B 30 15.56 7.74 19.23
N LEU B 31 15.64 8.77 20.06
CA LEU B 31 15.88 8.61 21.48
C LEU B 31 14.60 8.69 22.32
N LEU B 32 13.44 8.69 21.68
CA LEU B 32 12.17 8.76 22.38
C LEU B 32 11.24 7.66 21.87
N GLY B 33 9.98 7.99 21.60
CA GLY B 33 9.02 7.01 21.15
C GLY B 33 9.08 6.78 19.64
N SER B 34 8.12 5.99 19.16
N SER B 34 8.13 5.99 19.16
CA SER B 34 8.08 5.57 17.76
CA SER B 34 8.07 5.59 17.77
C SER B 34 6.93 6.22 17.00
C SER B 34 7.00 6.39 17.02
N THR B 35 7.14 6.39 15.69
CA THR B 35 6.14 6.96 14.79
C THR B 35 5.97 6.00 13.62
N GLN B 36 4.72 5.76 13.22
CA GLN B 36 4.46 4.90 12.09
C GLN B 36 4.49 5.71 10.80
N VAL B 37 5.43 5.38 9.92
CA VAL B 37 5.55 6.05 8.62
C VAL B 37 4.93 5.24 7.48
N GLY B 38 4.66 3.96 7.68
CA GLY B 38 4.02 3.20 6.62
C GLY B 38 3.77 1.78 7.07
N VAL B 39 3.58 0.92 6.07
CA VAL B 39 3.13 -0.45 6.20
C VAL B 39 3.79 -1.21 5.06
N GLY B 40 3.96 -2.52 5.23
CA GLY B 40 4.39 -3.33 4.10
C GLY B 40 4.04 -4.79 4.28
N VAL B 41 4.39 -5.57 3.26
CA VAL B 41 4.03 -6.98 3.15
C VAL B 41 5.30 -7.83 3.11
N MET B 42 5.37 -8.82 3.98
CA MET B 42 6.40 -9.85 3.91
C MET B 42 5.80 -11.05 3.20
N GLN B 43 6.42 -11.45 2.08
CA GLN B 43 6.00 -12.63 1.33
C GLN B 43 7.22 -13.25 0.68
N GLU B 44 7.36 -14.56 0.80
CA GLU B 44 8.45 -15.29 0.17
C GLU B 44 9.81 -14.71 0.55
N GLY B 45 9.94 -14.28 1.80
CA GLY B 45 11.21 -13.78 2.30
C GLY B 45 11.56 -12.37 1.91
N VAL B 46 10.64 -11.65 1.25
CA VAL B 46 10.89 -10.32 0.73
C VAL B 46 9.91 -9.36 1.38
N PHE B 47 10.40 -8.18 1.77
CA PHE B 47 9.56 -7.14 2.32
C PHE B 47 9.23 -6.12 1.22
N HIS B 48 7.95 -5.81 1.09
CA HIS B 48 7.43 -4.96 0.02
C HIS B 48 6.77 -3.73 0.63
N THR B 49 7.16 -2.55 0.19
CA THR B 49 6.48 -1.33 0.65
C THR B 49 6.58 -0.28 -0.45
N MET B 50 6.10 0.93 -0.16
CA MET B 50 6.20 2.01 -1.13
C MET B 50 7.51 2.77 -0.93
N TRP B 51 8.10 3.23 -2.03
CA TRP B 51 9.36 3.96 -1.96
C TRP B 51 9.26 5.15 -1.01
N HIS B 52 8.16 5.89 -1.06
CA HIS B 52 8.06 7.10 -0.26
C HIS B 52 8.02 6.81 1.25
N VAL B 53 7.75 5.57 1.65
CA VAL B 53 7.75 5.21 3.07
C VAL B 53 9.17 5.16 3.63
N THR B 54 10.09 4.48 2.93
CA THR B 54 11.44 4.28 3.47
C THR B 54 12.52 5.07 2.76
N LYS B 55 12.27 5.53 1.54
CA LYS B 55 13.27 6.15 0.70
C LYS B 55 14.49 5.26 0.48
N GLY B 56 14.31 3.95 0.62
CA GLY B 56 15.39 3.01 0.46
C GLY B 56 16.31 2.86 1.66
N ALA B 57 15.94 3.41 2.82
CA ALA B 57 16.71 3.20 4.03
C ALA B 57 16.65 1.73 4.46
N ALA B 58 17.72 1.27 5.09
CA ALA B 58 17.71 -0.09 5.65
C ALA B 58 16.68 -0.18 6.76
N LEU B 59 16.16 -1.40 6.98
CA LEU B 59 15.13 -1.67 7.96
C LEU B 59 15.62 -2.68 8.98
N ARG B 60 15.39 -2.40 10.25
CA ARG B 60 15.63 -3.39 11.28
C ARG B 60 14.41 -4.29 11.42
N SER B 61 14.64 -5.58 11.58
CA SER B 61 13.56 -6.55 11.83
C SER B 61 14.10 -7.40 12.98
N GLY B 62 13.61 -7.11 14.17
CA GLY B 62 14.18 -7.75 15.35
C GLY B 62 15.62 -7.34 15.53
N GLU B 63 16.53 -8.31 15.59
CA GLU B 63 17.96 -8.05 15.65
C GLU B 63 18.61 -7.96 14.28
N GLY B 64 17.88 -8.27 13.22
CA GLY B 64 18.43 -8.31 11.88
C GLY B 64 18.22 -7.02 11.11
N ARG B 65 18.91 -6.95 9.98
CA ARG B 65 18.85 -5.80 9.09
C ARG B 65 18.40 -6.26 7.72
N LEU B 66 17.42 -5.57 7.16
CA LEU B 66 16.95 -5.79 5.80
C LEU B 66 17.43 -4.64 4.93
N ASP B 67 18.06 -4.97 3.82
CA ASP B 67 18.57 -3.96 2.90
C ASP B 67 17.72 -3.92 1.64
N PRO B 68 17.57 -2.74 1.04
CA PRO B 68 16.82 -2.65 -0.20
C PRO B 68 17.50 -3.47 -1.28
N TYR B 69 16.69 -4.12 -2.09
CA TYR B 69 17.16 -4.97 -3.16
C TYR B 69 16.75 -4.44 -4.53
N TRP B 70 15.55 -3.88 -4.64
CA TRP B 70 15.02 -3.35 -5.88
C TRP B 70 14.14 -2.18 -5.50
N GLY B 71 14.07 -1.16 -6.36
CA GLY B 71 13.08 -0.12 -6.15
C GLY B 71 13.00 0.82 -7.32
N ASP B 72 11.92 1.59 -7.35
CA ASP B 72 11.64 2.46 -8.48
C ASP B 72 10.81 3.64 -7.99
N VAL B 73 11.39 4.83 -8.13
CA VAL B 73 10.72 6.04 -7.65
C VAL B 73 9.44 6.31 -8.44
N LYS B 74 9.47 6.12 -9.76
CA LYS B 74 8.28 6.41 -10.56
C LYS B 74 7.11 5.49 -10.18
N GLN B 75 7.39 4.20 -9.97
N GLN B 75 7.39 4.20 -9.97
CA GLN B 75 6.35 3.28 -9.52
CA GLN B 75 6.36 3.27 -9.52
C GLN B 75 6.01 3.49 -8.06
C GLN B 75 6.06 3.41 -8.04
N ASP B 76 6.91 4.13 -7.31
CA ASP B 76 6.78 4.33 -5.87
C ASP B 76 6.78 3.00 -5.10
N LEU B 77 7.70 2.11 -5.46
CA LEU B 77 7.79 0.80 -4.82
C LEU B 77 9.23 0.47 -4.47
N VAL B 78 9.39 -0.40 -3.47
CA VAL B 78 10.70 -0.89 -3.05
C VAL B 78 10.52 -2.28 -2.45
N SER B 79 11.50 -3.15 -2.69
CA SER B 79 11.54 -4.46 -2.05
C SER B 79 12.89 -4.64 -1.35
N TYR B 80 12.86 -5.42 -0.26
CA TYR B 80 13.99 -5.72 0.60
C TYR B 80 14.23 -7.22 0.60
N CYS B 81 15.51 -7.60 0.56
CA CYS B 81 15.99 -8.98 0.69
C CYS B 81 15.93 -9.77 -0.60
N GLY B 82 15.19 -9.30 -1.59
CA GLY B 82 15.06 -10.02 -2.83
C GLY B 82 14.15 -9.25 -3.76
N PRO B 83 13.92 -9.80 -4.94
CA PRO B 83 13.09 -9.11 -5.94
C PRO B 83 11.62 -9.11 -5.55
N TRP B 84 10.89 -8.18 -6.16
CA TRP B 84 9.46 -8.04 -5.94
C TRP B 84 8.74 -9.35 -6.25
N LYS B 85 7.92 -9.82 -5.30
CA LYS B 85 7.27 -11.12 -5.42
C LYS B 85 5.78 -11.05 -5.71
N LEU B 86 5.13 -9.92 -5.49
CA LEU B 86 3.68 -9.84 -5.55
C LEU B 86 3.25 -9.66 -7.00
N ASP B 87 2.46 -10.60 -7.51
CA ASP B 87 2.06 -10.52 -8.91
C ASP B 87 0.58 -10.67 -9.18
N ALA B 88 -0.25 -10.88 -8.16
CA ALA B 88 -1.68 -10.94 -8.40
C ALA B 88 -2.18 -9.61 -8.97
N ALA B 89 -3.18 -9.68 -9.84
CA ALA B 89 -3.70 -8.51 -10.52
C ALA B 89 -5.20 -8.36 -10.24
N TRP B 90 -5.65 -7.11 -10.04
CA TRP B 90 -7.08 -6.86 -10.00
C TRP B 90 -7.70 -7.32 -11.31
N ASP B 91 -8.83 -8.03 -11.22
CA ASP B 91 -9.49 -8.56 -12.40
C ASP B 91 -10.36 -7.54 -13.13
N GLY B 92 -10.46 -6.31 -12.64
CA GLY B 92 -11.23 -5.28 -13.31
C GLY B 92 -12.72 -5.29 -13.03
N LEU B 93 -13.21 -6.26 -12.26
CA LEU B 93 -14.64 -6.48 -12.06
C LEU B 93 -15.02 -6.66 -10.61
N SER B 94 -14.17 -7.31 -9.83
CA SER B 94 -14.54 -7.77 -8.50
C SER B 94 -14.23 -6.72 -7.46
N GLU B 95 -14.96 -6.78 -6.35
CA GLU B 95 -14.60 -5.99 -5.19
C GLU B 95 -13.28 -6.48 -4.61
N VAL B 96 -12.60 -5.58 -3.92
CA VAL B 96 -11.30 -5.83 -3.32
C VAL B 96 -11.40 -5.43 -1.85
N GLN B 97 -10.38 -5.78 -1.07
CA GLN B 97 -10.30 -5.29 0.31
C GLN B 97 -8.97 -4.60 0.56
N LEU B 98 -9.05 -3.39 1.09
CA LEU B 98 -7.89 -2.73 1.68
C LEU B 98 -7.71 -3.29 3.08
N LEU B 99 -6.56 -3.90 3.33
CA LEU B 99 -6.18 -4.32 4.68
C LEU B 99 -5.40 -3.15 5.27
N ALA B 100 -6.17 -2.18 5.76
CA ALA B 100 -5.60 -0.95 6.27
C ALA B 100 -4.95 -1.17 7.61
N VAL B 101 -3.74 -0.63 7.79
CA VAL B 101 -3.05 -0.68 9.07
C VAL B 101 -2.75 0.76 9.46
N PRO B 102 -3.72 1.48 10.01
CA PRO B 102 -3.53 2.91 10.28
C PRO B 102 -2.66 3.09 11.51
N PRO B 103 -1.88 4.17 11.56
CA PRO B 103 -1.12 4.46 12.78
C PRO B 103 -2.02 4.42 14.00
N GLY B 104 -1.56 3.72 15.04
CA GLY B 104 -2.27 3.69 16.30
C GLY B 104 -3.53 2.87 16.33
N GLU B 105 -3.85 2.14 15.26
CA GLU B 105 -5.09 1.36 15.19
C GLU B 105 -4.79 -0.04 14.70
N ARG B 106 -5.69 -0.97 15.04
CA ARG B 106 -5.48 -2.33 14.60
C ARG B 106 -5.76 -2.47 13.10
N ALA B 107 -5.14 -3.47 12.51
CA ALA B 107 -5.42 -3.79 11.11
C ALA B 107 -6.90 -4.04 10.93
N LYS B 108 -7.45 -3.55 9.82
CA LYS B 108 -8.87 -3.72 9.53
C LYS B 108 -9.08 -3.84 8.03
N ASN B 109 -10.08 -4.60 7.63
CA ASN B 109 -10.40 -4.81 6.23
C ASN B 109 -11.56 -3.93 5.80
N ILE B 110 -11.39 -3.22 4.69
N ILE B 110 -11.40 -3.25 4.67
CA ILE B 110 -12.43 -2.39 4.11
CA ILE B 110 -12.42 -2.39 4.10
C ILE B 110 -12.65 -2.89 2.68
C ILE B 110 -12.66 -2.85 2.68
N GLN B 111 -13.88 -3.28 2.38
CA GLN B 111 -14.22 -3.77 1.05
C GLN B 111 -14.75 -2.64 0.18
N THR B 112 -14.39 -2.68 -1.11
CA THR B 112 -14.79 -1.61 -2.02
C THR B 112 -14.74 -2.14 -3.45
N LEU B 113 -15.52 -1.49 -4.32
CA LEU B 113 -15.35 -1.71 -5.76
C LEU B 113 -14.42 -0.64 -6.29
N PRO B 114 -13.23 -0.98 -6.78
CA PRO B 114 -12.35 0.06 -7.32
C PRO B 114 -12.97 0.78 -8.51
N GLY B 115 -12.59 2.05 -8.66
CA GLY B 115 -12.67 2.75 -9.93
C GLY B 115 -11.39 2.50 -10.70
N ILE B 116 -11.07 3.42 -11.62
N ILE B 116 -11.12 3.37 -11.67
CA ILE B 116 -9.99 3.24 -12.58
CA ILE B 116 -9.89 3.25 -12.45
C ILE B 116 -9.27 4.57 -12.83
C ILE B 116 -9.24 4.60 -12.62
N PHE B 117 -7.94 4.56 -12.71
CA PHE B 117 -7.11 5.62 -13.26
C PHE B 117 -6.90 5.23 -14.72
N LYS B 118 -7.41 6.03 -15.63
CA LYS B 118 -7.16 5.82 -17.06
C LYS B 118 -5.90 6.59 -17.41
N THR B 119 -4.85 5.86 -17.81
CA THR B 119 -3.57 6.47 -18.09
C THR B 119 -3.09 6.02 -19.47
N LYS B 120 -2.11 6.75 -20.01
CA LYS B 120 -1.55 6.41 -21.30
C LYS B 120 -0.85 5.06 -21.28
N ASP B 121 -0.52 4.55 -20.08
CA ASP B 121 0.13 3.26 -19.92
C ASP B 121 -0.84 2.20 -19.41
N GLY B 122 -2.13 2.43 -19.56
CA GLY B 122 -3.15 1.45 -19.23
C GLY B 122 -4.03 1.90 -18.08
N ASP B 123 -5.05 1.11 -17.82
CA ASP B 123 -5.95 1.34 -16.71
C ASP B 123 -5.38 0.72 -15.44
N ILE B 124 -5.42 1.48 -14.35
CA ILE B 124 -5.00 1.01 -13.04
C ILE B 124 -6.21 1.10 -12.11
N GLY B 125 -6.54 0.00 -11.44
CA GLY B 125 -7.59 0.08 -10.44
C GLY B 125 -7.24 1.11 -9.40
N ALA B 126 -8.26 1.71 -8.80
CA ALA B 126 -8.06 2.80 -7.86
C ALA B 126 -9.17 2.77 -6.81
N VAL B 127 -8.79 2.90 -5.55
CA VAL B 127 -9.71 2.78 -4.44
C VAL B 127 -9.95 4.14 -3.81
N ALA B 128 -11.23 4.50 -3.70
CA ALA B 128 -11.66 5.77 -3.14
C ALA B 128 -11.84 5.62 -1.63
N LEU B 129 -10.71 5.45 -0.96
CA LEU B 129 -10.60 5.25 0.49
C LEU B 129 -9.50 6.16 0.98
N ASP B 130 -9.75 6.86 2.08
CA ASP B 130 -8.88 7.92 2.57
C ASP B 130 -8.41 7.57 3.97
N TYR B 131 -7.14 7.22 4.10
CA TYR B 131 -6.51 6.88 5.36
C TYR B 131 -5.25 7.72 5.52
N PRO B 132 -4.74 7.85 6.76
CA PRO B 132 -3.64 8.81 6.99
C PRO B 132 -2.35 8.37 6.32
N ALA B 133 -1.43 9.35 6.20
CA ALA B 133 -0.13 9.18 5.58
C ALA B 133 0.54 7.86 5.96
N GLY B 134 0.59 7.53 7.25
CA GLY B 134 1.30 6.36 7.72
C GLY B 134 0.64 5.04 7.40
N THR B 135 -0.52 5.05 6.72
CA THR B 135 -1.16 3.84 6.21
C THR B 135 -0.55 3.42 4.88
N SER B 136 0.28 4.27 4.29
CA SER B 136 0.96 3.97 3.03
C SER B 136 1.63 2.63 3.07
N GLY B 137 1.42 1.83 2.01
CA GLY B 137 1.96 0.49 1.91
C GLY B 137 1.02 -0.61 2.36
N SER B 138 -0.14 -0.25 2.88
CA SER B 138 -1.10 -1.27 3.27
C SER B 138 -1.52 -2.08 2.05
N PRO B 139 -1.66 -3.40 2.18
CA PRO B 139 -1.99 -4.22 1.03
C PRO B 139 -3.47 -4.18 0.67
N ILE B 140 -3.72 -4.31 -0.62
CA ILE B 140 -5.06 -4.43 -1.20
C ILE B 140 -5.17 -5.86 -1.72
N LEU B 141 -6.28 -6.53 -1.40
CA LEU B 141 -6.42 -7.97 -1.57
C LEU B 141 -7.56 -8.33 -2.52
N ASP B 142 -7.37 -9.44 -3.22
CA ASP B 142 -8.47 -10.12 -3.90
C ASP B 142 -9.14 -11.12 -2.95
N LYS B 143 -10.20 -11.78 -3.43
CA LYS B 143 -11.02 -12.64 -2.57
C LYS B 143 -10.27 -13.88 -2.12
N CYS B 144 -9.16 -14.22 -2.76
CA CYS B 144 -8.31 -15.31 -2.33
C CYS B 144 -7.27 -14.86 -1.31
N GLY B 145 -7.29 -13.58 -0.92
CA GLY B 145 -6.30 -13.05 0.00
C GLY B 145 -4.98 -12.69 -0.63
N ARG B 146 -4.87 -12.76 -1.96
CA ARG B 146 -3.62 -12.40 -2.60
C ARG B 146 -3.48 -10.89 -2.68
N VAL B 147 -2.25 -10.40 -2.60
CA VAL B 147 -2.01 -8.97 -2.62
C VAL B 147 -1.95 -8.50 -4.07
N ILE B 148 -2.95 -7.71 -4.48
CA ILE B 148 -3.04 -7.17 -5.84
C ILE B 148 -2.36 -5.81 -5.96
N GLY B 149 -1.91 -5.23 -4.86
CA GLY B 149 -1.14 -4.00 -4.90
C GLY B 149 -1.11 -3.37 -3.53
N LEU B 150 -0.43 -2.22 -3.46
CA LEU B 150 -0.27 -1.47 -2.23
C LEU B 150 -0.96 -0.11 -2.32
N TYR B 151 -1.51 0.32 -1.19
CA TYR B 151 -2.25 1.57 -1.04
C TYR B 151 -1.34 2.74 -0.73
N GLY B 152 -1.61 3.89 -1.34
CA GLY B 152 -1.02 5.13 -0.87
C GLY B 152 -0.33 6.03 -1.86
N ASN B 153 -0.42 5.75 -3.16
CA ASN B 153 0.00 6.73 -4.16
C ASN B 153 -1.23 7.08 -4.98
N GLY B 154 -1.68 8.32 -4.89
CA GLY B 154 -2.98 8.67 -5.38
C GLY B 154 -3.13 10.06 -5.95
N VAL B 155 -4.39 10.45 -6.08
CA VAL B 155 -4.77 11.76 -6.56
C VAL B 155 -5.80 12.35 -5.62
N VAL B 156 -6.03 13.65 -5.75
N VAL B 156 -5.95 13.66 -5.67
CA VAL B 156 -7.04 14.40 -4.99
CA VAL B 156 -7.09 14.34 -5.10
C VAL B 156 -7.93 15.15 -5.99
C VAL B 156 -7.95 14.86 -6.23
N ILE B 157 -9.24 14.86 -5.97
CA ILE B 157 -10.18 15.44 -6.91
C ILE B 157 -10.58 16.84 -6.44
N LYS B 158 -11.44 17.52 -7.20
CA LYS B 158 -11.68 18.93 -6.97
C LYS B 158 -12.19 19.19 -5.56
N ASN B 159 -13.04 18.30 -5.03
CA ASN B 159 -13.60 18.53 -3.71
C ASN B 159 -12.66 18.11 -2.58
N GLY B 160 -11.43 17.70 -2.90
CA GLY B 160 -10.43 17.29 -1.95
C GLY B 160 -10.36 15.80 -1.68
N SER B 161 -11.33 15.03 -2.16
CA SER B 161 -11.36 13.61 -1.85
C SER B 161 -10.18 12.87 -2.47
N TYR B 162 -9.73 11.83 -1.79
CA TYR B 162 -8.54 11.07 -2.15
C TYR B 162 -8.91 9.75 -2.81
N VAL B 163 -8.16 9.41 -3.85
CA VAL B 163 -8.28 8.12 -4.52
C VAL B 163 -6.88 7.55 -4.71
N SER B 164 -6.65 6.32 -4.24
CA SER B 164 -5.34 5.70 -4.36
C SER B 164 -5.30 4.72 -5.53
N ALA B 165 -4.21 4.74 -6.29
CA ALA B 165 -3.98 3.64 -7.20
C ALA B 165 -3.82 2.34 -6.42
N ILE B 166 -4.17 1.23 -7.07
CA ILE B 166 -3.77 -0.11 -6.62
C ILE B 166 -2.40 -0.31 -7.27
N THR B 167 -1.31 0.01 -6.55
CA THR B 167 0.01 -0.02 -7.14
C THR B 167 0.61 -1.42 -7.03
N GLN B 168 0.89 -2.06 -8.16
CA GLN B 168 1.48 -3.38 -8.17
C GLN B 168 2.80 -3.35 -8.92
N GLY B 169 3.75 -4.14 -8.45
CA GLY B 169 5.04 -4.29 -9.12
C GLY B 169 4.98 -5.38 -10.17
N LYS B 170 6.16 -5.79 -10.60
CA LYS B 170 6.32 -6.87 -11.58
C LYS B 170 7.22 -7.92 -10.95
N ARG B 171 6.79 -9.16 -10.98
CA ARG B 171 7.60 -10.23 -10.43
C ARG B 171 8.58 -10.70 -11.48
N1 V7T C 1 -5.41 14.22 0.80
N2 V7T C 1 -7.55 13.53 1.53
CA V7T C 1 -4.34 11.79 1.85
CD V7T C 1 -2.58 8.34 1.93
CE V7T C 1 -1.12 7.91 1.97
NZ V7T C 1 -0.36 8.46 0.86
CG V7T C 1 -2.73 9.84 2.03
CB V7T C 1 -4.18 10.28 1.96
C2 V7T C 1 -6.22 13.34 1.33
N V7T C 1 -5.76 12.09 1.77
C V7T C 1 -3.75 12.50 3.06
O V7T C 1 -4.29 12.36 4.16
N GLY C 2 -2.66 13.24 2.88
CA GLY C 2 -2.15 14.02 3.98
C GLY C 2 -0.66 13.92 4.27
N BAL C 3 0.04 13.01 3.60
CB BAL C 3 1.50 13.01 3.60
CA BAL C 3 2.05 14.20 2.83
C BAL C 3 1.42 14.28 1.47
O BAL C 3 1.60 13.40 0.63
N DPN C 4 0.57 15.29 1.26
CA DPN C 4 -0.05 15.50 -0.03
C DPN C 4 -0.87 14.29 -0.49
O DPN C 4 -1.85 13.90 0.17
CB DPN C 4 -0.94 16.75 -0.01
CG DPN C 4 -1.41 17.18 -1.38
CD1 DPN C 4 -2.75 17.10 -1.71
CD2 DPN C 4 -0.52 17.64 -2.33
CE1 DPN C 4 -3.19 17.50 -2.97
CE2 DPN C 4 -0.95 18.03 -3.58
CZ DPN C 4 -2.29 17.95 -3.91
N LYS C 5 -0.47 13.71 -1.62
CA LYS C 5 -1.17 12.59 -2.24
C LYS C 5 -0.59 11.23 -1.82
N LYS C 6 0.33 11.26 -0.84
CA LYS C 6 0.99 10.05 -0.36
C LYS C 6 0.35 9.58 0.95
#